data_4Y5O
#
_entry.id   4Y5O
#
_cell.length_a   43.310
_cell.length_b   45.349
_cell.length_c   61.533
_cell.angle_alpha   90.000
_cell.angle_beta   94.950
_cell.angle_gamma   90.000
#
_symmetry.space_group_name_H-M   'P 1 21 1'
#
loop_
_entity.id
_entity.type
_entity.pdbx_description
1 polymer Malcavernin
2 polymer 'Mitogen-activated protein kinase kinase kinase 3'
3 water water
#
loop_
_entity_poly.entity_id
_entity_poly.type
_entity_poly.pdbx_seq_one_letter_code
_entity_poly.pdbx_strand_id
1 'polypeptide(L)'
;GSKTISESELSASATELLQDYMLTLRTKLSSQEIQQFAALLHEYRNGASIHEFCINLRQLYGDSRKFLLLGLRPFIPEKD
SQHFENFLETIGVKDGRG
;
A
2 'polypeptide(L)'
;GSMDEQEALNSIMNDLVALQMNRRHRMPGYETMKNKDTGHSNRQSDVRIKFEHNGERRIIAFSRPVKYEDVEHKVTTVFG
QPLDLHYMNNELSILLKNQDDLDKAIDILDRSSSMKSLRILLLSQD
;
B
#
# COMPACT_ATOMS: atom_id res chain seq x y z
N ALA A 12 -3.40 28.24 -5.88
CA ALA A 12 -3.74 27.08 -6.71
C ALA A 12 -5.26 26.90 -6.85
N SER A 13 -5.72 26.74 -8.08
CA SER A 13 -7.15 26.63 -8.38
C SER A 13 -7.67 25.20 -8.23
N ALA A 14 -6.75 24.24 -8.15
CA ALA A 14 -7.09 22.82 -8.11
C ALA A 14 -7.19 22.24 -6.70
N THR A 15 -7.24 23.12 -5.68
CA THR A 15 -7.47 22.67 -4.32
C THR A 15 -8.83 21.99 -4.22
N GLU A 16 -9.82 22.55 -4.92
CA GLU A 16 -11.15 21.97 -4.97
C GLU A 16 -11.11 20.58 -5.62
N LEU A 17 -10.27 20.43 -6.64
CA LEU A 17 -10.23 19.18 -7.40
C LEU A 17 -9.61 18.05 -6.59
N LEU A 18 -8.80 18.41 -5.60
CA LEU A 18 -8.32 17.46 -4.60
C LEU A 18 -9.43 17.06 -3.62
N GLN A 19 -10.19 18.04 -3.14
CA GLN A 19 -11.25 17.77 -2.15
C GLN A 19 -12.35 16.87 -2.74
N ASP A 20 -12.69 17.10 -4.01
CA ASP A 20 -13.68 16.29 -4.67
C ASP A 20 -13.21 14.85 -4.82
N TYR A 21 -11.92 14.69 -5.08
CA TYR A 21 -11.35 13.36 -5.16
C TYR A 21 -11.28 12.69 -3.79
N MET A 22 -10.88 13.43 -2.76
CA MET A 22 -10.90 12.93 -1.39
C MET A 22 -12.31 12.51 -0.99
N LEU A 23 -13.27 13.31 -1.44
CA LEU A 23 -14.67 13.04 -1.17
C LEU A 23 -15.11 11.74 -1.81
N THR A 24 -14.72 11.53 -3.06
CA THR A 24 -15.02 10.30 -3.77
C THR A 24 -14.45 9.06 -3.08
N LEU A 25 -13.20 9.16 -2.63
CA LEU A 25 -12.57 8.07 -1.88
C LEU A 25 -13.31 7.77 -0.57
N ARG A 26 -13.56 8.82 0.21
CA ARG A 26 -14.25 8.72 1.49
C ARG A 26 -15.65 8.11 1.33
N THR A 27 -16.28 8.33 0.18
CA THR A 27 -17.67 7.94 0.03
C THR A 27 -17.94 6.61 -0.70
N LYS A 28 -16.97 6.15 -1.50
CA LYS A 28 -17.13 4.94 -2.30
C LYS A 28 -16.25 3.73 -1.92
N LEU A 29 -15.12 3.98 -1.24
CA LEU A 29 -14.19 2.93 -0.83
C LEU A 29 -14.38 2.44 0.61
N SER A 30 -14.31 1.13 0.82
CA SER A 30 -14.31 0.57 2.17
C SER A 30 -13.09 1.04 2.95
N SER A 31 -13.16 0.99 4.28
CA SER A 31 -12.07 1.50 5.10
C SER A 31 -10.75 0.83 4.77
N GLN A 32 -10.82 -0.48 4.56
CA GLN A 32 -9.63 -1.28 4.28
C GLN A 32 -9.06 -0.95 2.90
N GLU A 33 -9.95 -0.77 1.92
CA GLU A 33 -9.51 -0.44 0.56
C GLU A 33 -8.83 0.93 0.52
N ILE A 34 -9.20 1.80 1.45
CA ILE A 34 -8.53 3.10 1.62
C ILE A 34 -7.09 2.97 2.16
N GLN A 35 -6.91 2.16 3.22
CA GLN A 35 -5.59 1.94 3.81
C GLN A 35 -4.68 1.28 2.79
N GLN A 36 -5.21 0.26 2.10
CA GLN A 36 -4.48 -0.41 1.03
C GLN A 36 -4.04 0.58 -0.04
N PHE A 37 -5.01 1.35 -0.57
CA PHE A 37 -4.71 2.37 -1.56
C PHE A 37 -3.71 3.40 -1.08
N ALA A 38 -3.87 3.89 0.15
CA ALA A 38 -2.94 4.86 0.73
C ALA A 38 -1.51 4.34 0.70
N ALA A 39 -1.37 3.08 1.08
CA ALA A 39 -0.07 2.40 1.07
C ALA A 39 0.56 2.37 -0.32
N LEU A 40 -0.18 1.89 -1.32
CA LEU A 40 0.36 1.87 -2.68
C LEU A 40 0.69 3.28 -3.13
N LEU A 41 -0.23 4.20 -2.89
CA LEU A 41 -0.01 5.59 -3.30
C LEU A 41 1.22 6.16 -2.64
N HIS A 42 1.53 5.71 -1.43
CA HIS A 42 2.72 6.26 -0.78
C HIS A 42 3.99 5.75 -1.48
N GLU A 43 4.00 4.48 -1.88
CA GLU A 43 5.14 3.92 -2.61
C GLU A 43 5.39 4.70 -3.90
N TYR A 44 4.33 4.97 -4.65
CA TYR A 44 4.45 5.69 -5.90
C TYR A 44 4.96 7.11 -5.68
N ARG A 45 4.47 7.74 -4.62
CA ARG A 45 4.92 9.08 -4.24
C ARG A 45 6.42 9.07 -3.96
N ASN A 46 6.88 7.98 -3.33
CA ASN A 46 8.23 7.92 -2.82
C ASN A 46 9.24 7.30 -3.78
N GLY A 47 8.92 7.32 -5.07
CA GLY A 47 9.91 6.95 -6.07
C GLY A 47 9.64 5.73 -6.92
N ALA A 48 8.51 5.07 -6.70
CA ALA A 48 8.13 3.91 -7.50
C ALA A 48 7.80 4.28 -8.94
N SER A 49 8.05 3.35 -9.86
CA SER A 49 7.69 3.58 -11.25
C SER A 49 6.17 3.70 -11.42
N ILE A 50 5.75 4.10 -12.60
CA ILE A 50 4.33 4.24 -12.91
C ILE A 50 3.83 2.88 -13.38
N HIS A 51 4.69 2.17 -14.09
CA HIS A 51 4.35 0.86 -14.60
C HIS A 51 4.08 -0.07 -13.41
N GLU A 52 4.99 -0.04 -12.45
CA GLU A 52 4.82 -0.73 -11.17
C GLU A 52 3.49 -0.41 -10.53
N PHE A 53 3.25 0.88 -10.32
CA PHE A 53 2.06 1.35 -9.63
C PHE A 53 0.81 0.78 -10.29
N CYS A 54 0.73 0.94 -11.61
CA CYS A 54 -0.40 0.46 -12.40
C CYS A 54 -0.63 -1.04 -12.27
N ILE A 55 0.45 -1.81 -12.33
CA ILE A 55 0.36 -3.25 -12.12
C ILE A 55 -0.28 -3.56 -10.76
N ASN A 56 0.16 -2.85 -9.73
CA ASN A 56 -0.40 -3.04 -8.38
C ASN A 56 -1.88 -2.67 -8.30
N LEU A 57 -2.25 -1.60 -8.98
CA LEU A 57 -3.63 -1.16 -9.00
C LEU A 57 -4.51 -2.19 -9.69
N ARG A 58 -4.04 -2.69 -10.83
CA ARG A 58 -4.81 -3.64 -11.63
C ARG A 58 -5.10 -4.93 -10.90
N GLN A 59 -4.24 -5.28 -9.93
CA GLN A 59 -4.40 -6.51 -9.18
C GLN A 59 -5.35 -6.30 -8.03
N LEU A 60 -5.58 -5.03 -7.70
CA LEU A 60 -6.30 -4.70 -6.48
C LEU A 60 -7.68 -4.14 -6.78
N TYR A 61 -7.80 -3.50 -7.93
CA TYR A 61 -9.02 -2.80 -8.29
C TYR A 61 -9.54 -3.19 -9.68
N GLY A 62 -10.58 -4.00 -9.71
CA GLY A 62 -11.19 -4.42 -10.95
C GLY A 62 -12.18 -3.40 -11.46
N ASP A 63 -13.16 -3.85 -12.24
CA ASP A 63 -14.14 -2.98 -12.89
C ASP A 63 -14.83 -1.99 -11.95
N SER A 64 -15.28 -2.47 -10.79
CA SER A 64 -16.08 -1.67 -9.87
C SER A 64 -15.36 -0.43 -9.33
N ARG A 65 -14.05 -0.35 -9.55
CA ARG A 65 -13.26 0.75 -9.00
C ARG A 65 -12.61 1.62 -10.06
N LYS A 66 -13.28 1.78 -11.22
CA LYS A 66 -12.76 2.62 -12.30
C LYS A 66 -12.62 4.08 -11.87
N PHE A 67 -13.66 4.58 -11.20
CA PHE A 67 -13.69 5.96 -10.73
C PHE A 67 -12.42 6.35 -9.99
N LEU A 68 -11.92 5.43 -9.17
CA LEU A 68 -10.70 5.65 -8.40
C LEU A 68 -9.53 5.92 -9.34
N LEU A 69 -9.37 5.07 -10.34
CA LEU A 69 -8.26 5.18 -11.28
C LEU A 69 -8.39 6.46 -12.11
N LEU A 70 -9.57 6.65 -12.69
CA LEU A 70 -9.92 7.86 -13.42
C LEU A 70 -9.68 9.15 -12.63
N GLY A 71 -10.20 9.20 -11.40
CA GLY A 71 -10.11 10.40 -10.58
C GLY A 71 -8.70 10.71 -10.17
N LEU A 72 -7.83 9.73 -10.37
CA LEU A 72 -6.43 9.87 -10.02
C LEU A 72 -5.62 10.45 -11.17
N ARG A 73 -6.12 10.33 -12.40
CA ARG A 73 -5.38 10.79 -13.60
C ARG A 73 -4.77 12.20 -13.58
N PRO A 74 -5.52 13.21 -13.15
CA PRO A 74 -4.96 14.56 -13.25
C PRO A 74 -3.90 14.82 -12.19
N PHE A 75 -3.84 13.94 -11.20
CA PHE A 75 -2.82 14.03 -10.16
C PHE A 75 -1.50 13.37 -10.61
N ILE A 76 -1.53 12.69 -11.75
CA ILE A 76 -0.35 12.04 -12.31
C ILE A 76 0.43 12.99 -13.24
N PRO A 77 1.72 13.24 -12.95
CA PRO A 77 2.59 14.10 -13.77
C PRO A 77 2.61 13.73 -15.25
N GLU A 78 2.80 14.71 -16.13
CA GLU A 78 2.69 14.50 -17.58
C GLU A 78 3.45 13.28 -18.11
N LYS A 79 4.73 13.18 -17.76
CA LYS A 79 5.57 12.11 -18.30
C LYS A 79 5.06 10.72 -17.93
N ASP A 80 4.52 10.58 -16.73
CA ASP A 80 3.94 9.33 -16.30
C ASP A 80 2.49 9.23 -16.77
N SER A 81 1.88 10.37 -17.03
CA SER A 81 0.47 10.42 -17.43
C SER A 81 0.25 9.67 -18.73
N GLN A 82 1.23 9.79 -19.63
CA GLN A 82 1.19 9.12 -20.93
C GLN A 82 0.95 7.61 -20.78
N HIS A 83 1.64 7.00 -19.83
CA HIS A 83 1.48 5.57 -19.56
C HIS A 83 0.20 5.25 -18.76
N PHE A 84 -0.20 6.16 -17.87
CA PHE A 84 -1.38 5.93 -17.04
C PHE A 84 -2.68 5.89 -17.84
N GLU A 85 -2.78 6.70 -18.89
CA GLU A 85 -4.01 6.76 -19.67
C GLU A 85 -4.27 5.48 -20.47
N ASN A 86 -3.23 4.99 -21.17
CA ASN A 86 -3.35 3.73 -21.89
C ASN A 86 -3.65 2.57 -20.95
N PHE A 87 -3.23 2.72 -19.69
CA PHE A 87 -3.48 1.74 -18.61
C PHE A 87 -4.97 1.52 -18.34
N LEU A 88 -5.79 2.51 -18.73
CA LEU A 88 -7.24 2.32 -18.73
C LEU A 88 -7.60 1.18 -19.69
N GLU A 89 -8.72 0.51 -19.41
CA GLU A 89 -9.17 -0.63 -20.20
C GLU A 89 -9.48 -0.28 -21.66
N SER B 2 -12.67 3.92 12.64
CA SER B 2 -12.43 4.99 11.67
C SER B 2 -11.07 5.64 11.88
N MET B 3 -10.44 5.38 13.04
CA MET B 3 -9.10 5.89 13.32
C MET B 3 -8.14 5.60 12.16
N ASP B 4 -8.07 4.33 11.76
CA ASP B 4 -7.20 3.89 10.67
C ASP B 4 -7.62 4.53 9.35
N GLU B 5 -8.90 4.76 9.20
CA GLU B 5 -9.42 5.35 7.98
C GLU B 5 -9.00 6.82 7.83
N GLN B 6 -9.10 7.59 8.92
CA GLN B 6 -8.79 9.01 8.84
C GLN B 6 -7.31 9.16 8.58
N GLU B 7 -6.54 8.31 9.25
CA GLU B 7 -5.10 8.34 9.11
C GLU B 7 -4.69 7.99 7.69
N ALA B 8 -5.42 7.10 7.04
CA ALA B 8 -5.16 6.80 5.63
C ALA B 8 -5.51 7.99 4.73
N LEU B 9 -6.72 8.51 4.89
CA LEU B 9 -7.17 9.63 4.05
C LEU B 9 -6.26 10.85 4.15
N ASN B 10 -5.71 11.08 5.34
CA ASN B 10 -4.72 12.12 5.54
C ASN B 10 -3.42 11.85 4.78
N SER B 11 -2.99 10.59 4.80
CA SER B 11 -1.82 10.15 4.04
C SER B 11 -2.03 10.37 2.55
N ILE B 12 -3.18 9.92 2.06
CA ILE B 12 -3.51 10.08 0.63
C ILE B 12 -3.50 11.55 0.23
N MET B 13 -3.94 12.40 1.13
CA MET B 13 -4.04 13.82 0.83
C MET B 13 -2.65 14.44 0.72
N ASN B 14 -1.79 14.14 1.68
CA ASN B 14 -0.44 14.69 1.68
C ASN B 14 0.40 14.16 0.51
N ASP B 15 0.07 12.96 0.07
CA ASP B 15 0.77 12.35 -1.07
C ASP B 15 0.37 13.04 -2.38
N LEU B 16 -0.93 13.24 -2.58
CA LEU B 16 -1.46 13.91 -3.78
C LEU B 16 -1.08 15.39 -3.83
N VAL B 17 -1.10 16.04 -2.67
CA VAL B 17 -0.74 17.45 -2.57
C VAL B 17 0.73 17.61 -2.92
N ALA B 18 1.46 16.51 -2.81
CA ALA B 18 2.80 16.43 -3.38
C ALA B 18 2.73 15.89 -4.82
N LEU B 19 1.82 16.43 -5.63
CA LEU B 19 1.78 16.04 -7.05
C LEU B 19 3.09 16.46 -7.67
N GLN B 20 3.37 17.75 -7.57
CA GLN B 20 4.66 18.32 -7.90
C GLN B 20 4.75 19.54 -6.98
N MET B 21 5.42 19.39 -5.85
CA MET B 21 5.44 20.42 -4.81
C MET B 21 4.03 20.72 -4.29
N GLN B 44 4.61 -14.79 23.75
CA GLN B 44 5.91 -14.68 23.10
C GLN B 44 6.17 -13.27 22.53
N SER B 45 7.41 -13.03 22.12
CA SER B 45 7.77 -11.78 21.47
CA SER B 45 7.76 -11.77 21.46
C SER B 45 7.90 -12.05 19.97
N ASP B 46 7.27 -13.13 19.53
CA ASP B 46 7.25 -13.53 18.13
C ASP B 46 6.61 -12.40 17.35
N VAL B 47 7.04 -12.20 16.11
CA VAL B 47 6.45 -11.15 15.28
C VAL B 47 5.30 -11.75 14.48
N ARG B 48 4.09 -11.25 14.69
CA ARG B 48 2.96 -11.77 13.94
C ARG B 48 2.72 -10.91 12.71
N ILE B 49 2.87 -11.52 11.55
CA ILE B 49 2.66 -10.83 10.28
C ILE B 49 1.31 -11.25 9.69
N LYS B 50 0.42 -10.28 9.47
CA LYS B 50 -0.86 -10.55 8.82
C LYS B 50 -0.67 -10.43 7.33
N PHE B 51 -0.82 -11.54 6.61
CA PHE B 51 -0.66 -11.52 5.16
C PHE B 51 -1.99 -11.41 4.43
N GLU B 52 -2.02 -10.54 3.44
CA GLU B 52 -3.24 -10.24 2.69
C GLU B 52 -3.00 -10.53 1.21
N HIS B 53 -3.70 -11.51 0.68
CA HIS B 53 -3.55 -11.91 -0.72
C HIS B 53 -4.90 -12.29 -1.34
N ASN B 54 -5.41 -11.43 -2.22
CA ASN B 54 -6.76 -11.57 -2.79
C ASN B 54 -7.85 -11.81 -1.75
N GLY B 55 -7.81 -11.07 -0.64
CA GLY B 55 -8.86 -11.15 0.35
C GLY B 55 -8.65 -12.31 1.33
N GLU B 56 -7.60 -13.07 1.10
CA GLU B 56 -7.25 -14.16 1.99
C GLU B 56 -6.30 -13.67 3.08
N ARG B 57 -6.83 -13.47 4.29
CA ARG B 57 -5.95 -13.22 5.42
C ARG B 57 -5.23 -14.50 5.86
N ARG B 58 -3.97 -14.38 6.24
CA ARG B 58 -3.21 -15.48 6.81
C ARG B 58 -2.24 -14.92 7.82
N ILE B 59 -2.38 -15.33 9.07
CA ILE B 59 -1.46 -14.87 10.09
C ILE B 59 -0.41 -15.94 10.35
N ILE B 60 0.85 -15.56 10.19
CA ILE B 60 2.00 -16.42 10.47
C ILE B 60 2.91 -15.72 11.49
N ALA B 61 3.32 -16.43 12.54
CA ALA B 61 4.23 -15.84 13.53
C ALA B 61 5.68 -16.13 13.16
N PHE B 62 6.58 -15.21 13.46
CA PHE B 62 8.00 -15.46 13.24
C PHE B 62 8.76 -15.15 14.51
N SER B 63 9.63 -16.07 14.92
CA SER B 63 10.39 -15.86 16.14
C SER B 63 11.53 -14.89 15.90
N ARG B 64 11.90 -14.13 16.93
CA ARG B 64 13.02 -13.23 16.78
C ARG B 64 14.33 -14.00 17.01
N PRO B 65 15.35 -13.66 16.23
CA PRO B 65 15.35 -12.53 15.29
C PRO B 65 14.75 -12.92 13.93
N VAL B 66 13.85 -12.09 13.41
CA VAL B 66 13.18 -12.39 12.14
C VAL B 66 14.09 -12.10 10.96
N LYS B 67 14.30 -13.10 10.11
CA LYS B 67 15.15 -12.93 8.95
C LYS B 67 14.33 -12.63 7.69
N TYR B 68 14.74 -11.62 6.93
CA TYR B 68 13.95 -11.21 5.77
C TYR B 68 13.78 -12.34 4.74
N GLU B 69 14.88 -12.97 4.32
CA GLU B 69 14.82 -14.06 3.35
C GLU B 69 13.95 -15.24 3.81
N ASP B 70 13.85 -15.45 5.12
CA ASP B 70 13.01 -16.51 5.64
C ASP B 70 11.53 -16.15 5.45
N VAL B 71 11.24 -14.87 5.61
CA VAL B 71 9.88 -14.37 5.37
C VAL B 71 9.50 -14.55 3.91
N GLU B 72 10.40 -14.21 3.01
CA GLU B 72 10.15 -14.42 1.59
C GLU B 72 9.97 -15.91 1.34
N HIS B 73 10.84 -16.71 1.92
CA HIS B 73 10.76 -18.16 1.78
C HIS B 73 9.37 -18.61 2.19
N LYS B 74 8.93 -18.17 3.37
CA LYS B 74 7.60 -18.54 3.83
C LYS B 74 6.49 -18.14 2.85
N VAL B 75 6.57 -16.93 2.28
CA VAL B 75 5.51 -16.49 1.36
C VAL B 75 5.44 -17.43 0.16
N THR B 76 6.60 -17.73 -0.42
CA THR B 76 6.68 -18.60 -1.58
C THR B 76 6.05 -19.98 -1.34
N THR B 77 6.24 -20.51 -0.13
CA THR B 77 5.76 -21.84 0.22
C THR B 77 4.27 -21.84 0.45
N VAL B 78 3.82 -20.89 1.24
CA VAL B 78 2.42 -20.84 1.67
C VAL B 78 1.53 -20.51 0.49
N PHE B 79 1.95 -19.54 -0.31
CA PHE B 79 1.15 -19.04 -1.42
C PHE B 79 1.58 -19.54 -2.79
N GLY B 80 2.67 -20.32 -2.86
CA GLY B 80 3.01 -21.00 -4.08
C GLY B 80 3.46 -20.16 -5.27
N GLN B 81 3.74 -18.89 -5.04
CA GLN B 81 4.24 -18.04 -6.11
C GLN B 81 5.04 -16.88 -5.54
N PRO B 82 6.00 -16.35 -6.32
CA PRO B 82 6.73 -15.18 -5.83
C PRO B 82 5.83 -13.95 -5.68
N LEU B 83 5.75 -13.42 -4.46
CA LEU B 83 4.92 -12.26 -4.16
C LEU B 83 5.72 -11.10 -3.54
N ASP B 84 5.36 -9.86 -3.86
CA ASP B 84 6.00 -8.68 -3.26
C ASP B 84 5.36 -8.37 -1.92
N LEU B 85 6.18 -7.94 -0.96
CA LEU B 85 5.63 -7.64 0.36
C LEU B 85 5.41 -6.15 0.51
N HIS B 86 4.15 -5.73 0.57
CA HIS B 86 3.87 -4.31 0.74
C HIS B 86 3.51 -4.00 2.19
N TYR B 87 4.45 -3.42 2.93
CA TYR B 87 4.17 -3.05 4.32
C TYR B 87 3.13 -1.96 4.33
N MET B 88 2.03 -2.18 5.04
CA MET B 88 0.86 -1.27 4.98
C MET B 88 0.66 -0.44 6.26
N ASN B 89 1.03 0.84 6.18
CA ASN B 89 0.96 1.74 7.33
C ASN B 89 0.92 3.20 6.90
N ASN B 90 -0.03 3.55 6.05
CA ASN B 90 -0.15 4.92 5.55
C ASN B 90 1.22 5.49 5.12
N GLU B 91 1.63 6.64 5.66
CA GLU B 91 2.90 7.25 5.25
C GLU B 91 4.17 6.51 5.71
N LEU B 92 4.01 5.42 6.44
CA LEU B 92 5.15 4.59 6.83
C LEU B 92 5.18 3.32 5.97
N SER B 93 4.30 3.26 4.97
CA SER B 93 4.21 2.10 4.10
C SER B 93 5.41 2.04 3.16
N ILE B 94 5.81 0.83 2.77
CA ILE B 94 7.03 0.64 1.97
C ILE B 94 7.08 -0.76 1.33
N LEU B 95 7.73 -0.90 0.18
CA LEU B 95 7.96 -2.21 -0.41
C LEU B 95 9.16 -2.81 0.31
N LEU B 96 8.93 -3.82 1.15
CA LEU B 96 10.02 -4.44 1.91
C LEU B 96 10.99 -5.16 0.98
N LYS B 97 12.20 -4.60 0.87
CA LYS B 97 13.18 -5.10 -0.07
C LYS B 97 14.40 -5.71 0.61
N ASN B 98 14.49 -5.59 1.93
CA ASN B 98 15.70 -5.95 2.68
C ASN B 98 15.52 -6.02 4.20
N GLN B 99 16.43 -6.72 4.88
CA GLN B 99 16.40 -6.85 6.34
C GLN B 99 16.10 -5.52 7.03
N ASP B 100 16.72 -4.46 6.54
CA ASP B 100 16.56 -3.13 7.12
CA ASP B 100 16.54 -3.14 7.14
C ASP B 100 15.10 -2.65 7.10
N ASP B 101 14.47 -2.71 5.92
CA ASP B 101 13.07 -2.32 5.79
C ASP B 101 12.21 -3.06 6.85
N LEU B 102 12.41 -4.38 6.95
CA LEU B 102 11.62 -5.23 7.84
C LEU B 102 11.83 -4.85 9.29
N ASP B 103 13.09 -4.65 9.68
CA ASP B 103 13.42 -4.30 11.05
C ASP B 103 12.73 -2.98 11.44
N LYS B 104 12.70 -2.03 10.50
CA LYS B 104 11.97 -0.80 10.71
C LYS B 104 10.48 -1.06 10.93
N ALA B 105 9.86 -1.86 10.07
CA ALA B 105 8.46 -2.20 10.28
C ALA B 105 8.27 -2.84 11.66
N ILE B 106 9.13 -3.79 11.98
CA ILE B 106 9.08 -4.48 13.26
C ILE B 106 9.23 -3.49 14.45
N ASP B 107 10.10 -2.50 14.29
CA ASP B 107 10.28 -1.50 15.32
C ASP B 107 9.03 -0.66 15.49
N ILE B 108 8.43 -0.26 14.36
CA ILE B 108 7.21 0.53 14.37
C ILE B 108 6.12 -0.18 15.16
N LEU B 109 5.98 -1.48 14.93
CA LEU B 109 4.98 -2.31 15.59
C LEU B 109 5.28 -2.47 17.09
N ASP B 110 6.57 -2.54 17.43
CA ASP B 110 6.99 -2.64 18.82
C ASP B 110 6.60 -1.43 19.65
N ARG B 111 6.62 -0.25 19.01
CA ARG B 111 6.40 0.98 19.73
C ARG B 111 4.97 1.52 19.61
N SER B 112 4.15 0.85 18.79
CA SER B 112 2.73 1.20 18.70
C SER B 112 1.93 0.65 19.85
N SER B 113 0.94 1.42 20.28
CA SER B 113 0.05 1.01 21.35
C SER B 113 -1.16 0.24 20.84
N SER B 114 -1.47 0.40 19.55
CA SER B 114 -2.66 -0.23 18.99
C SER B 114 -2.39 -1.47 18.12
N MET B 115 -1.37 -1.40 17.26
CA MET B 115 -1.05 -2.51 16.33
C MET B 115 -0.64 -3.78 17.06
N LYS B 116 -1.18 -4.92 16.62
CA LYS B 116 -0.86 -6.22 17.21
C LYS B 116 -0.20 -7.13 16.18
N SER B 117 -0.17 -6.68 14.93
CA SER B 117 0.45 -7.47 13.87
C SER B 117 0.98 -6.55 12.79
N LEU B 118 1.98 -7.05 12.07
CA LEU B 118 2.52 -6.38 10.90
C LEU B 118 1.61 -6.70 9.74
N ARG B 119 1.05 -5.68 9.08
CA ARG B 119 0.16 -5.94 7.95
C ARG B 119 0.94 -5.88 6.67
N ILE B 120 0.78 -6.89 5.83
CA ILE B 120 1.54 -7.01 4.60
C ILE B 120 0.64 -7.43 3.45
N LEU B 121 0.45 -6.53 2.48
CA LEU B 121 -0.34 -6.79 1.29
C LEU B 121 0.51 -7.53 0.26
N LEU B 122 0.04 -8.68 -0.22
CA LEU B 122 0.83 -9.42 -1.19
C LEU B 122 0.37 -9.14 -2.62
N LEU B 123 1.27 -8.66 -3.46
CA LEU B 123 0.96 -8.44 -4.87
C LEU B 123 1.99 -9.13 -5.75
N SER B 124 1.62 -9.47 -6.97
CA SER B 124 2.57 -10.08 -7.89
C SER B 124 3.34 -9.00 -8.64
N GLN B 125 4.62 -9.23 -8.87
CA GLN B 125 5.44 -8.25 -9.58
C GLN B 125 5.00 -8.10 -11.03
N ASP B 126 4.46 -9.17 -11.60
CA ASP B 126 3.92 -9.14 -12.96
C ASP B 126 2.54 -9.77 -13.03
#